data_2WGT
#
_entry.id   2WGT
#
_cell.length_a   61.270
_cell.length_b   69.990
_cell.length_c   75.000
_cell.angle_alpha   90.00
_cell.angle_beta   94.42
_cell.angle_gamma   90.00
#
_symmetry.space_group_name_H-M   'P 1 21 1'
#
loop_
_entity.id
_entity.type
_entity.pdbx_description
1 polymer 'FIBER PROTEIN'
2 non-polymer '3,5-dideoxy-5-(propanoylamino)-D-glycero-alpha-D-galacto-non-2-ulopyranosonic acid'
3 non-polymer 'ZINC ION'
4 water water
#
_entity_poly.entity_id   1
_entity_poly.type   'polypeptide(L)'
_entity_poly.pdbx_seq_one_letter_code
;GAMGSWNPKYDTRTLWTTPDTSPNCTIAQDKDSKLTLVLTKCGSQILANVSLIVVAGKYHIINNKTNPKIKSFTIKLLFN
KNGVLLDNSNLGKAYWNFRSGNSNVSTAYEKAIGFMPNLVAYPKPSNSKKYARDIVYGTIYLGGKPDQPAVIKTTFNQET
GCEYSITFNFSWSKTYENVEFETTSFTFSYIAQE
;
_entity_poly.pdbx_strand_id   A,B,C
#
# COMPACT_ATOMS: atom_id res chain seq x y z
N TYR A 10 -3.72 21.29 -9.11
CA TYR A 10 -3.74 19.81 -9.41
C TYR A 10 -4.79 19.12 -8.55
N ASP A 11 -4.81 19.47 -7.27
CA ASP A 11 -5.83 19.02 -6.32
C ASP A 11 -6.07 17.50 -6.32
N THR A 12 -6.97 17.01 -7.18
CA THR A 12 -7.49 15.64 -7.12
C THR A 12 -7.27 14.85 -8.41
N ARG A 13 -6.52 15.41 -9.35
CA ARG A 13 -6.44 14.85 -10.70
C ARG A 13 -5.56 13.60 -10.77
N THR A 14 -5.65 12.93 -11.92
CA THR A 14 -4.88 11.72 -12.20
C THR A 14 -4.02 11.92 -13.44
N LEU A 15 -2.73 11.64 -13.28
CA LEU A 15 -1.76 11.63 -14.36
C LEU A 15 -1.47 10.15 -14.65
N TRP A 16 -1.64 9.72 -15.90
CA TRP A 16 -1.50 8.29 -16.22
C TRP A 16 -1.00 7.96 -17.63
N THR A 17 -0.73 6.67 -17.84
CA THR A 17 -0.28 6.14 -19.13
C THR A 17 -1.41 5.70 -20.06
N THR A 18 -2.65 5.90 -19.60
CA THR A 18 -3.85 5.21 -20.12
C THR A 18 -3.79 3.73 -19.68
N PRO A 19 -4.96 3.07 -19.53
CA PRO A 19 -4.99 1.69 -19.08
C PRO A 19 -5.12 0.62 -20.18
N ASP A 20 -4.88 0.96 -21.45
CA ASP A 20 -4.88 -0.08 -22.49
C ASP A 20 -3.54 -0.83 -22.50
N THR A 21 -3.37 -1.76 -23.43
CA THR A 21 -2.16 -2.59 -23.47
C THR A 21 -1.26 -2.33 -24.68
N SER A 22 -1.43 -1.18 -25.32
CA SER A 22 -0.54 -0.78 -26.42
C SER A 22 0.82 -0.37 -25.88
N PRO A 23 1.92 -0.98 -26.39
CA PRO A 23 3.25 -0.67 -25.90
C PRO A 23 3.59 0.83 -25.94
N ASN A 24 4.13 1.31 -24.83
CA ASN A 24 4.42 2.73 -24.62
C ASN A 24 5.81 2.97 -24.06
N CYS A 25 6.65 1.93 -24.09
CA CYS A 25 7.88 1.93 -23.29
C CYS A 25 8.97 1.10 -23.97
N THR A 26 10.22 1.55 -23.76
CA THR A 26 11.40 1.01 -24.43
C THR A 26 12.47 0.60 -23.43
N ILE A 27 12.62 -0.69 -23.19
CA ILE A 27 13.60 -1.21 -22.21
C ILE A 27 14.91 -1.64 -22.89
N ALA A 28 14.81 -2.59 -23.81
CA ALA A 28 15.96 -3.13 -24.53
C ALA A 28 15.90 -2.72 -26.01
N GLN A 29 14.70 -2.73 -26.58
CA GLN A 29 14.46 -2.28 -27.95
C GLN A 29 13.16 -1.49 -28.01
N ASP A 30 12.97 -0.75 -29.11
CA ASP A 30 11.86 0.19 -29.26
C ASP A 30 10.46 -0.41 -29.00
N LYS A 31 9.72 0.22 -28.09
CA LYS A 31 8.34 -0.17 -27.78
C LYS A 31 8.20 -1.67 -27.45
N ASP A 32 9.12 -2.18 -26.64
CA ASP A 32 9.11 -3.59 -26.24
C ASP A 32 8.22 -3.90 -25.02
N SER A 33 7.59 -2.87 -24.44
CA SER A 33 6.81 -3.05 -23.23
C SER A 33 5.67 -2.04 -23.05
N LYS A 34 4.70 -2.43 -22.23
CA LYS A 34 3.66 -1.54 -21.77
C LYS A 34 3.79 -1.35 -20.26
N LEU A 35 4.23 -0.16 -19.86
CA LEU A 35 4.19 0.26 -18.46
C LEU A 35 2.86 0.93 -18.19
N THR A 36 2.09 0.36 -17.26
CA THR A 36 0.83 0.97 -16.84
C THR A 36 1.09 1.65 -15.49
N LEU A 37 0.96 2.99 -15.47
CA LEU A 37 1.27 3.77 -14.27
C LEU A 37 0.18 4.81 -14.08
N VAL A 38 -0.38 4.84 -12.87
CA VAL A 38 -1.46 5.76 -12.54
C VAL A 38 -1.04 6.52 -11.27
N LEU A 39 -0.90 7.84 -11.40
CA LEU A 39 -0.54 8.72 -10.28
C LEU A 39 -1.71 9.64 -9.93
N THR A 40 -2.24 9.49 -8.72
CA THR A 40 -3.41 10.26 -8.28
C THR A 40 -3.00 11.14 -7.10
N LYS A 41 -3.34 12.42 -7.17
CA LYS A 41 -2.94 13.34 -6.12
C LYS A 41 -3.96 13.33 -4.99
N CYS A 42 -3.49 13.01 -3.79
CA CYS A 42 -4.27 13.08 -2.58
C CYS A 42 -3.58 14.06 -1.64
N GLY A 43 -3.74 15.35 -1.95
CA GLY A 43 -3.06 16.40 -1.19
C GLY A 43 -1.54 16.29 -1.25
N SER A 44 -0.92 16.19 -0.07
CA SER A 44 0.55 16.15 0.06
C SER A 44 1.17 14.78 -0.29
N GLN A 45 0.35 13.79 -0.66
CA GLN A 45 0.85 12.49 -1.14
C GLN A 45 0.27 12.09 -2.49
N ILE A 46 1.09 11.41 -3.28
CA ILE A 46 0.67 10.86 -4.55
C ILE A 46 0.44 9.36 -4.35
N LEU A 47 -0.75 8.89 -4.67
CA LEU A 47 -1.07 7.46 -4.63
C LEU A 47 -0.74 6.86 -5.99
N ALA A 48 0.17 5.90 -6.00
CA ALA A 48 0.70 5.33 -7.25
C ALA A 48 0.31 3.87 -7.43
N ASN A 49 -0.06 3.51 -8.67
CA ASN A 49 -0.42 2.14 -9.03
C ASN A 49 0.37 1.74 -10.29
N VAL A 50 1.05 0.59 -10.26
CA VAL A 50 1.95 0.22 -11.36
C VAL A 50 1.92 -1.27 -11.72
N SER A 51 2.00 -1.56 -13.02
CA SER A 51 2.23 -2.91 -13.52
C SER A 51 3.05 -2.83 -14.82
N LEU A 52 3.57 -3.97 -15.26
CA LEU A 52 4.39 -4.02 -16.48
C LEU A 52 4.12 -5.26 -17.32
N ILE A 53 3.98 -5.04 -18.63
CA ILE A 53 3.91 -6.11 -19.64
C ILE A 53 5.10 -5.94 -20.60
N VAL A 54 6.02 -6.91 -20.65
CA VAL A 54 7.07 -6.90 -21.68
C VAL A 54 6.56 -7.77 -22.85
N VAL A 55 6.57 -7.21 -24.06
CA VAL A 55 5.96 -7.87 -25.23
C VAL A 55 6.97 -8.42 -26.25
N ALA A 56 8.21 -7.96 -26.17
CA ALA A 56 9.23 -8.30 -27.15
C ALA A 56 10.62 -8.10 -26.58
N GLY A 57 11.62 -8.61 -27.29
CA GLY A 57 13.01 -8.37 -26.96
C GLY A 57 13.60 -9.19 -25.83
N LYS A 58 14.75 -8.73 -25.35
CA LYS A 58 15.58 -9.41 -24.38
C LYS A 58 14.83 -9.88 -23.11
N TYR A 59 13.91 -9.04 -22.63
CA TYR A 59 13.28 -9.29 -21.33
C TYR A 59 11.86 -9.85 -21.41
N HIS A 60 11.43 -10.25 -22.60
CA HIS A 60 10.10 -10.80 -22.81
C HIS A 60 9.94 -12.19 -22.20
N ILE A 61 10.79 -13.13 -22.60
CA ILE A 61 10.77 -14.51 -22.08
C ILE A 61 12.13 -14.78 -21.40
N ILE A 62 12.07 -15.03 -20.08
CA ILE A 62 13.26 -15.24 -19.26
C ILE A 62 13.60 -16.71 -19.13
N ASN A 63 14.86 -17.06 -19.37
CA ASN A 63 15.35 -18.41 -19.13
C ASN A 63 16.72 -18.29 -18.46
N ASN A 64 16.74 -18.55 -17.15
CA ASN A 64 17.97 -18.44 -16.34
C ASN A 64 18.78 -19.75 -16.27
N LYS A 65 18.31 -20.76 -16.98
CA LYS A 65 19.11 -21.97 -17.20
C LYS A 65 20.09 -21.70 -18.36
N THR A 66 19.58 -21.17 -19.46
CA THR A 66 20.44 -20.81 -20.61
C THR A 66 21.14 -19.43 -20.41
N ASN A 67 20.51 -18.54 -19.66
CA ASN A 67 21.04 -17.19 -19.43
C ASN A 67 20.93 -16.80 -17.96
N PRO A 68 21.76 -17.42 -17.10
CA PRO A 68 21.69 -17.22 -15.64
C PRO A 68 21.97 -15.79 -15.15
N LYS A 69 22.56 -14.94 -15.98
CA LYS A 69 22.94 -13.59 -15.57
C LYS A 69 21.94 -12.50 -15.96
N ILE A 70 20.93 -12.83 -16.76
CA ILE A 70 19.83 -11.91 -17.04
C ILE A 70 18.89 -11.89 -15.82
N LYS A 71 19.07 -10.93 -14.93
CA LYS A 71 18.37 -10.93 -13.62
C LYS A 71 17.68 -9.62 -13.22
N SER A 72 17.88 -8.56 -14.01
CA SER A 72 17.34 -7.24 -13.66
C SER A 72 17.30 -6.28 -14.84
N PHE A 73 16.45 -5.26 -14.74
CA PHE A 73 16.38 -4.18 -15.74
C PHE A 73 15.67 -2.95 -15.15
N THR A 74 15.80 -1.81 -15.85
CA THR A 74 15.43 -0.51 -15.30
C THR A 74 14.63 0.34 -16.27
N ILE A 75 13.59 1.00 -15.74
CA ILE A 75 12.73 1.89 -16.48
C ILE A 75 12.77 3.25 -15.80
N LYS A 76 13.06 4.31 -16.56
CA LYS A 76 13.26 5.64 -16.00
C LYS A 76 12.26 6.67 -16.53
N LEU A 77 11.68 7.44 -15.60
CA LEU A 77 10.83 8.57 -15.94
C LEU A 77 11.58 9.83 -15.48
N LEU A 78 11.96 10.67 -16.44
CA LEU A 78 12.72 11.89 -16.17
C LEU A 78 11.80 13.10 -16.37
N PHE A 79 11.89 14.06 -15.46
CA PHE A 79 11.03 15.25 -15.46
C PHE A 79 11.82 16.55 -15.37
N ASN A 80 11.29 17.59 -16.00
CA ASN A 80 11.88 18.93 -15.92
C ASN A 80 11.27 19.73 -14.76
N LYS A 81 11.62 21.01 -14.65
CA LYS A 81 11.17 21.84 -13.53
C LYS A 81 9.65 22.00 -13.46
N ASN A 82 8.97 21.82 -14.58
CA ASN A 82 7.51 21.94 -14.62
C ASN A 82 6.79 20.61 -14.48
N GLY A 83 7.54 19.54 -14.22
CA GLY A 83 6.97 18.19 -14.08
C GLY A 83 6.55 17.57 -15.40
N VAL A 84 7.10 18.08 -16.50
CA VAL A 84 6.84 17.55 -17.84
C VAL A 84 7.84 16.45 -18.12
N LEU A 85 7.38 15.34 -18.66
CA LEU A 85 8.23 14.18 -18.95
C LEU A 85 9.17 14.50 -20.11
N LEU A 86 10.44 14.12 -19.95
CA LEU A 86 11.46 14.36 -20.96
C LEU A 86 11.49 13.21 -21.97
N ASP A 87 11.88 13.55 -23.20
CA ASP A 87 11.81 12.63 -24.33
C ASP A 87 12.73 11.42 -24.22
N ASN A 88 13.81 11.58 -23.46
CA ASN A 88 14.78 10.52 -23.23
C ASN A 88 14.45 9.54 -22.06
N SER A 89 13.24 9.66 -21.51
CA SER A 89 12.71 8.67 -20.57
C SER A 89 12.39 7.36 -21.32
N ASN A 90 12.44 6.21 -20.62
CA ASN A 90 12.07 4.93 -21.25
C ASN A 90 10.60 4.92 -21.68
N LEU A 91 9.77 5.58 -20.88
CA LEU A 91 8.36 5.78 -21.19
C LEU A 91 8.20 6.87 -22.26
N GLY A 92 7.36 6.59 -23.26
CA GLY A 92 7.09 7.56 -24.32
C GLY A 92 6.18 8.68 -23.85
N LYS A 93 6.41 9.88 -24.40
CA LYS A 93 5.62 11.07 -24.04
C LYS A 93 4.20 11.07 -24.58
N ALA A 94 3.97 10.35 -25.69
CA ALA A 94 2.71 10.41 -26.45
C ALA A 94 1.42 10.14 -25.67
N TYR A 95 1.45 9.19 -24.73
CA TYR A 95 0.24 8.87 -23.96
C TYR A 95 0.40 9.02 -22.45
N TRP A 96 1.45 9.74 -22.03
CA TRP A 96 1.59 10.18 -20.64
C TRP A 96 1.01 11.59 -20.47
N ASN A 97 -0.17 11.68 -19.89
CA ASN A 97 -0.88 12.95 -19.71
C ASN A 97 -1.97 12.80 -18.66
N PHE A 98 -2.64 13.91 -18.32
CA PHE A 98 -3.76 13.86 -17.39
C PHE A 98 -4.92 13.08 -18.00
N ARG A 99 -5.70 12.45 -17.13
CA ARG A 99 -6.79 11.57 -17.55
C ARG A 99 -7.98 12.36 -18.10
N SER A 100 -8.60 11.78 -19.12
CA SER A 100 -9.91 12.18 -19.60
C SER A 100 -10.60 10.95 -20.16
N GLY A 101 -11.59 10.44 -19.44
CA GLY A 101 -12.21 9.15 -19.78
C GLY A 101 -11.20 8.03 -19.60
N ASN A 102 -11.15 7.11 -20.56
CA ASN A 102 -10.11 6.08 -20.60
C ASN A 102 -8.95 6.46 -21.52
N SER A 103 -8.85 7.76 -21.83
CA SER A 103 -7.76 8.31 -22.61
C SER A 103 -7.21 9.54 -21.87
N ASN A 104 -6.61 10.48 -22.61
CA ASN A 104 -5.94 11.64 -22.03
C ASN A 104 -6.56 12.97 -22.48
N VAL A 105 -6.22 14.04 -21.76
CA VAL A 105 -6.66 15.39 -22.15
C VAL A 105 -6.00 15.75 -23.48
N SER A 106 -6.73 16.53 -24.30
CA SER A 106 -6.31 16.84 -25.66
C SER A 106 -5.06 17.71 -25.73
N THR A 107 -4.74 18.41 -24.65
CA THR A 107 -3.53 19.23 -24.55
C THR A 107 -2.45 18.52 -23.73
N ALA A 108 -1.26 18.34 -24.32
CA ALA A 108 -0.08 17.86 -23.60
C ALA A 108 0.25 18.81 -22.45
N TYR A 109 0.29 18.29 -21.23
CA TYR A 109 0.32 19.14 -20.05
C TYR A 109 1.61 19.97 -19.95
N GLU A 110 1.52 21.10 -19.26
CA GLU A 110 2.66 22.01 -19.08
C GLU A 110 3.14 22.07 -17.64
N LYS A 111 2.25 21.77 -16.69
CA LYS A 111 2.57 21.89 -15.27
C LYS A 111 2.05 20.68 -14.49
N ALA A 112 2.95 20.03 -13.74
CA ALA A 112 2.58 18.93 -12.85
C ALA A 112 3.54 18.82 -11.66
N ILE A 113 3.94 19.96 -11.11
CA ILE A 113 4.91 20.00 -10.01
C ILE A 113 4.32 19.37 -8.74
N GLY A 114 2.99 19.38 -8.63
CA GLY A 114 2.26 18.78 -7.51
C GLY A 114 2.21 17.26 -7.56
N PHE A 115 2.69 16.71 -8.68
CA PHE A 115 2.81 15.26 -8.86
C PHE A 115 4.25 14.77 -8.74
N MET A 116 5.17 15.70 -8.51
CA MET A 116 6.59 15.38 -8.48
C MET A 116 7.02 14.96 -7.08
N PRO A 117 8.02 14.05 -6.99
CA PRO A 117 8.54 13.63 -5.68
C PRO A 117 9.26 14.77 -4.96
N ASN A 118 8.90 14.96 -3.70
CA ASN A 118 9.42 16.05 -2.86
C ASN A 118 10.94 16.03 -2.75
N LEU A 119 11.59 17.14 -3.13
CA LEU A 119 13.05 17.22 -3.17
C LEU A 119 13.73 17.28 -1.80
N VAL A 120 13.03 17.75 -0.77
CA VAL A 120 13.60 17.74 0.58
C VAL A 120 13.60 16.32 1.14
N ALA A 121 12.47 15.63 0.95
CA ALA A 121 12.31 14.24 1.35
C ALA A 121 13.26 13.34 0.57
N TYR A 122 13.41 13.64 -0.72
CA TYR A 122 14.13 12.81 -1.69
C TYR A 122 15.06 13.73 -2.50
N PRO A 123 16.21 14.10 -1.91
CA PRO A 123 17.12 15.03 -2.62
C PRO A 123 17.83 14.40 -3.81
N LYS A 124 18.28 15.23 -4.75
CA LYS A 124 19.15 14.77 -5.83
C LYS A 124 20.50 14.33 -5.28
N PRO A 125 21.22 13.47 -6.03
CA PRO A 125 22.56 13.07 -5.56
C PRO A 125 23.46 14.28 -5.26
N SER A 126 24.29 14.15 -4.24
CA SER A 126 25.20 15.20 -3.78
C SER A 126 26.26 14.51 -2.95
N ASN A 127 27.19 15.24 -2.35
CA ASN A 127 28.16 14.55 -1.51
C ASN A 127 27.69 14.42 -0.05
N SER A 128 26.47 14.89 0.25
CA SER A 128 25.84 14.63 1.55
C SER A 128 25.39 13.19 1.59
N LYS A 129 25.12 12.70 2.79
CA LYS A 129 24.79 11.30 3.01
C LYS A 129 23.52 10.92 2.26
N LYS A 130 23.56 9.77 1.60
CA LYS A 130 22.42 9.25 0.86
C LYS A 130 21.59 8.36 1.80
N TYR A 131 20.36 8.78 2.08
CA TYR A 131 19.44 8.02 2.95
C TYR A 131 18.49 7.15 2.13
N ALA A 132 18.03 6.06 2.74
CA ALA A 132 17.26 5.03 2.06
C ALA A 132 15.78 5.39 1.90
N ARG A 133 15.32 6.47 2.55
CA ARG A 133 13.89 6.78 2.49
C ARG A 133 13.40 7.18 1.10
N ASP A 134 14.31 7.52 0.15
CA ASP A 134 13.92 7.75 -1.24
C ASP A 134 13.65 6.44 -2.05
N ILE A 135 13.64 5.30 -1.36
CA ILE A 135 13.32 4.01 -1.98
C ILE A 135 12.05 3.39 -1.38
N VAL A 136 11.22 2.78 -2.24
CA VAL A 136 10.14 1.86 -1.85
C VAL A 136 10.35 0.51 -2.52
N TYR A 137 10.39 -0.56 -1.72
CA TYR A 137 10.40 -1.93 -2.25
C TYR A 137 9.00 -2.55 -2.26
N GLY A 138 8.71 -3.30 -3.31
CA GLY A 138 7.51 -4.08 -3.43
C GLY A 138 7.84 -5.37 -4.17
N THR A 139 6.88 -6.30 -4.18
CA THR A 139 7.00 -7.59 -4.87
C THR A 139 5.75 -7.79 -5.73
N ILE A 140 5.96 -8.12 -6.99
CA ILE A 140 4.89 -8.45 -7.92
C ILE A 140 5.12 -9.87 -8.45
N TYR A 141 4.12 -10.41 -9.15
CA TYR A 141 4.15 -11.81 -9.52
C TYR A 141 3.97 -11.99 -11.02
N LEU A 142 4.91 -12.72 -11.63
CA LEU A 142 4.89 -12.95 -13.07
C LEU A 142 3.77 -13.93 -13.44
N GLY A 143 2.96 -13.54 -14.43
CA GLY A 143 1.84 -14.36 -14.89
C GLY A 143 0.73 -14.56 -13.87
N GLY A 144 0.74 -13.79 -12.80
CA GLY A 144 -0.23 -13.97 -11.73
C GLY A 144 -0.03 -15.21 -10.88
N LYS A 145 1.14 -15.85 -11.02
CA LYS A 145 1.46 -17.09 -10.31
C LYS A 145 2.13 -16.77 -8.99
N PRO A 146 1.63 -17.34 -7.87
CA PRO A 146 2.13 -16.97 -6.54
C PRO A 146 3.55 -17.46 -6.25
N ASP A 147 4.05 -18.40 -7.07
CA ASP A 147 5.42 -18.89 -6.94
C ASP A 147 6.40 -18.20 -7.91
N GLN A 148 5.97 -17.10 -8.54
CA GLN A 148 6.83 -16.35 -9.46
C GLN A 148 7.02 -14.87 -9.07
N PRO A 149 7.63 -14.61 -7.90
CA PRO A 149 7.90 -13.22 -7.50
C PRO A 149 8.99 -12.54 -8.32
N ALA A 150 8.86 -11.23 -8.48
CA ALA A 150 9.95 -10.34 -8.91
C ALA A 150 9.88 -9.07 -8.06
N VAL A 151 11.03 -8.51 -7.72
CA VAL A 151 11.08 -7.31 -6.87
C VAL A 151 10.98 -6.08 -7.75
N ILE A 152 10.10 -5.16 -7.36
CA ILE A 152 10.05 -3.84 -7.98
C ILE A 152 10.59 -2.83 -6.95
N LYS A 153 11.74 -2.25 -7.28
CA LYS A 153 12.38 -1.24 -6.46
C LYS A 153 12.15 0.11 -7.11
N THR A 154 11.44 1.01 -6.42
CA THR A 154 11.17 2.36 -6.92
C THR A 154 12.02 3.40 -6.18
N THR A 155 12.71 4.28 -6.93
CA THR A 155 13.59 5.28 -6.32
C THR A 155 13.25 6.67 -6.83
N PHE A 156 13.21 7.66 -5.93
CA PHE A 156 12.82 9.02 -6.30
C PHE A 156 14.03 9.97 -6.37
N ASN A 157 14.07 10.74 -7.46
CA ASN A 157 15.01 11.85 -7.65
C ASN A 157 16.48 11.45 -7.54
N GLN A 158 16.86 10.29 -8.07
CA GLN A 158 18.26 9.89 -8.05
C GLN A 158 18.91 9.95 -9.43
N GLU A 159 18.14 10.27 -10.47
CA GLU A 159 18.68 10.39 -11.84
C GLU A 159 19.26 11.78 -12.06
N THR A 160 20.09 11.92 -13.11
CA THR A 160 20.64 13.24 -13.45
C THR A 160 20.06 13.71 -14.78
N GLY A 161 20.34 14.97 -15.13
CA GLY A 161 19.78 15.59 -16.33
C GLY A 161 18.29 15.83 -16.26
N CYS A 162 17.82 16.21 -15.07
CA CYS A 162 16.38 16.36 -14.79
C CYS A 162 16.18 17.04 -13.43
N GLU A 163 15.02 17.65 -13.22
CA GLU A 163 14.71 18.24 -11.91
C GLU A 163 14.15 17.17 -10.95
N TYR A 164 13.36 16.25 -11.50
CA TYR A 164 12.77 15.15 -10.74
C TYR A 164 12.87 13.86 -11.54
N SER A 165 12.69 12.72 -10.87
CA SER A 165 12.67 11.43 -11.54
C SER A 165 11.99 10.37 -10.68
N ILE A 166 11.47 9.37 -11.38
CA ILE A 166 10.97 8.15 -10.76
C ILE A 166 11.58 7.01 -11.55
N THR A 167 12.29 6.10 -10.87
CA THR A 167 12.94 4.96 -11.50
C THR A 167 12.37 3.65 -10.96
N PHE A 168 12.11 2.70 -11.86
CA PHE A 168 11.63 1.37 -11.51
C PHE A 168 12.71 0.35 -11.91
N ASN A 169 13.28 -0.34 -10.93
CA ASN A 169 14.18 -1.46 -11.19
C ASN A 169 13.47 -2.77 -10.90
N PHE A 170 13.46 -3.65 -11.90
CA PHE A 170 12.82 -4.96 -11.80
C PHE A 170 13.93 -6.00 -11.67
N SER A 171 13.86 -6.84 -10.64
CA SER A 171 14.85 -7.90 -10.45
C SER A 171 14.22 -9.18 -9.87
N TRP A 172 14.92 -10.30 -10.03
CA TRP A 172 14.41 -11.57 -9.49
C TRP A 172 15.58 -12.47 -9.11
N SER A 173 15.39 -13.29 -8.09
CA SER A 173 16.45 -14.18 -7.60
C SER A 173 16.15 -15.63 -7.92
N LYS A 174 14.93 -15.92 -8.40
CA LYS A 174 14.58 -17.28 -8.82
C LYS A 174 15.20 -17.57 -10.19
N THR A 175 15.42 -18.85 -10.46
CA THR A 175 15.94 -19.32 -11.74
C THR A 175 14.74 -19.67 -12.63
N TYR A 176 14.24 -18.70 -13.39
CA TYR A 176 13.04 -18.91 -14.21
C TYR A 176 13.41 -19.60 -15.53
N GLU A 177 12.50 -20.47 -15.99
CA GLU A 177 12.68 -21.17 -17.26
C GLU A 177 11.53 -20.89 -18.23
N ASN A 178 11.81 -20.02 -19.21
CA ASN A 178 10.85 -19.61 -20.24
C ASN A 178 9.58 -18.98 -19.68
N VAL A 179 9.79 -17.99 -18.82
CA VAL A 179 8.70 -17.28 -18.16
C VAL A 179 8.51 -15.90 -18.77
N GLU A 180 7.28 -15.60 -19.19
CA GLU A 180 6.92 -14.32 -19.80
C GLU A 180 6.83 -13.23 -18.73
N PHE A 181 7.50 -12.11 -18.97
CA PHE A 181 7.57 -11.04 -17.98
C PHE A 181 6.38 -10.11 -18.16
N GLU A 182 5.29 -10.48 -17.52
CA GLU A 182 4.12 -9.64 -17.41
C GLU A 182 3.56 -9.80 -15.98
N THR A 183 3.23 -8.70 -15.33
CA THR A 183 3.13 -8.67 -13.86
C THR A 183 1.75 -8.37 -13.28
N THR A 184 1.57 -8.77 -12.02
CA THR A 184 0.48 -8.25 -11.20
C THR A 184 0.73 -6.77 -10.88
N SER A 185 -0.23 -6.14 -10.20
CA SER A 185 -0.14 -4.72 -9.88
C SER A 185 0.31 -4.46 -8.43
N PHE A 186 1.02 -3.35 -8.25
CA PHE A 186 1.51 -2.88 -6.95
C PHE A 186 1.09 -1.41 -6.71
N THR A 187 0.76 -1.11 -5.46
CA THR A 187 0.41 0.27 -5.02
C THR A 187 1.38 0.77 -3.97
N PHE A 188 1.80 2.03 -4.13
CA PHE A 188 2.65 2.71 -3.18
C PHE A 188 2.23 4.19 -3.13
N SER A 189 2.91 4.96 -2.29
CA SER A 189 2.75 6.43 -2.28
C SER A 189 4.10 7.11 -2.08
N TYR A 190 4.13 8.41 -2.32
CA TYR A 190 5.29 9.22 -2.02
C TYR A 190 4.87 10.65 -1.71
N ILE A 191 5.78 11.37 -1.06
CA ILE A 191 5.54 12.75 -0.61
C ILE A 191 5.66 13.70 -1.80
N ALA A 192 4.65 14.55 -2.00
CA ALA A 192 4.61 15.48 -3.15
C ALA A 192 5.42 16.73 -2.88
N GLN A 193 6.02 17.26 -3.94
CA GLN A 193 6.80 18.51 -3.92
C GLN A 193 5.98 19.72 -3.45
N GLU A 194 4.74 19.80 -3.94
CA GLU A 194 3.79 20.87 -3.62
C GLU A 194 2.42 20.29 -3.38
N THR B 12 -20.47 10.47 0.07
CA THR B 12 -20.49 9.59 -1.13
C THR B 12 -19.08 9.28 -1.66
N ARG B 13 -18.06 9.55 -0.84
CA ARG B 13 -16.67 9.21 -1.18
C ARG B 13 -16.24 7.87 -0.57
N THR B 14 -17.08 7.27 0.28
CA THR B 14 -16.74 5.98 0.91
C THR B 14 -17.87 4.96 0.90
N LEU B 15 -17.56 3.80 0.32
CA LEU B 15 -18.44 2.66 0.27
C LEU B 15 -17.86 1.61 1.23
N TRP B 16 -18.64 1.12 2.18
CA TRP B 16 -18.07 0.25 3.21
C TRP B 16 -19.05 -0.77 3.82
N THR B 17 -18.48 -1.67 4.62
CA THR B 17 -19.25 -2.71 5.33
C THR B 17 -19.71 -2.29 6.72
N THR B 18 -19.39 -1.05 7.10
CA THR B 18 -19.27 -0.57 8.49
C THR B 18 -18.07 -1.22 9.19
N PRO B 19 -17.52 -0.55 10.22
CA PRO B 19 -16.39 -1.10 10.97
C PRO B 19 -16.72 -1.96 12.21
N ASP B 20 -17.98 -2.35 12.40
CA ASP B 20 -18.34 -3.23 13.53
C ASP B 20 -17.86 -4.66 13.26
N THR B 21 -18.14 -5.59 14.19
CA THR B 21 -17.76 -6.99 13.99
C THR B 21 -18.97 -7.95 13.84
N SER B 22 -20.10 -7.44 13.38
CA SER B 22 -21.28 -8.29 13.17
C SER B 22 -21.13 -9.06 11.85
N PRO B 23 -21.28 -10.40 11.87
CA PRO B 23 -21.13 -11.16 10.62
C PRO B 23 -22.01 -10.67 9.48
N ASN B 24 -21.39 -10.54 8.30
CA ASN B 24 -22.01 -10.02 7.09
C ASN B 24 -21.70 -10.85 5.84
N CYS B 25 -21.08 -12.00 6.04
CA CYS B 25 -20.48 -12.74 4.93
C CYS B 25 -20.69 -14.23 5.12
N THR B 26 -20.87 -14.93 4.01
CA THR B 26 -21.14 -16.37 4.02
C THR B 26 -20.08 -17.05 3.17
N ILE B 27 -19.13 -17.74 3.81
CA ILE B 27 -18.07 -18.46 3.10
C ILE B 27 -18.52 -19.91 2.91
N ALA B 28 -18.69 -20.63 4.03
CA ALA B 28 -19.13 -22.02 4.03
C ALA B 28 -20.58 -22.20 4.54
N GLN B 29 -21.02 -21.31 5.43
CA GLN B 29 -22.39 -21.33 5.98
C GLN B 29 -22.84 -19.91 6.32
N ASP B 30 -24.15 -19.72 6.37
CA ASP B 30 -24.77 -18.40 6.58
C ASP B 30 -24.10 -17.54 7.65
N LYS B 31 -23.75 -16.31 7.26
CA LYS B 31 -23.16 -15.33 8.18
C LYS B 31 -22.09 -15.95 9.08
N ASP B 32 -21.13 -16.64 8.48
CA ASP B 32 -20.02 -17.25 9.22
C ASP B 32 -18.80 -16.32 9.38
N SER B 33 -18.91 -15.09 8.89
CA SER B 33 -17.77 -14.17 8.90
C SER B 33 -18.12 -12.68 8.78
N LYS B 34 -17.18 -11.86 9.26
CA LYS B 34 -17.20 -10.43 9.06
C LYS B 34 -16.05 -10.06 8.12
N LEU B 35 -16.42 -9.68 6.89
CA LEU B 35 -15.51 -9.01 5.97
C LEU B 35 -15.59 -7.51 6.25
N THR B 36 -14.49 -6.92 6.68
CA THR B 36 -14.44 -5.46 6.83
C THR B 36 -13.74 -4.94 5.60
N LEU B 37 -14.49 -4.21 4.76
CA LEU B 37 -13.98 -3.67 3.50
C LEU B 37 -14.38 -2.23 3.39
N VAL B 38 -13.40 -1.37 3.16
CA VAL B 38 -13.59 0.06 2.99
C VAL B 38 -12.99 0.53 1.66
N LEU B 39 -13.86 1.07 0.80
CA LEU B 39 -13.44 1.62 -0.48
C LEU B 39 -13.60 3.14 -0.43
N THR B 40 -12.51 3.85 -0.64
CA THR B 40 -12.50 5.30 -0.59
C THR B 40 -12.06 5.82 -1.93
N LYS B 41 -12.90 6.66 -2.52
CA LYS B 41 -12.64 7.19 -3.84
C LYS B 41 -11.68 8.36 -3.78
N CYS B 42 -10.47 8.15 -4.30
CA CYS B 42 -9.49 9.20 -4.48
C CYS B 42 -9.34 9.42 -5.98
N GLY B 43 -10.39 10.02 -6.54
CA GLY B 43 -10.44 10.32 -7.96
C GLY B 43 -10.50 9.05 -8.80
N SER B 44 -9.57 8.93 -9.73
CA SER B 44 -9.57 7.78 -10.63
C SER B 44 -8.95 6.52 -10.01
N GLN B 45 -8.57 6.58 -8.73
CA GLN B 45 -8.15 5.38 -7.99
C GLN B 45 -9.03 5.17 -6.76
N ILE B 46 -9.35 3.90 -6.50
CA ILE B 46 -10.02 3.50 -5.27
C ILE B 46 -8.96 3.00 -4.28
N LEU B 47 -8.94 3.59 -3.08
CA LEU B 47 -8.05 3.14 -2.00
C LEU B 47 -8.84 2.13 -1.17
N ALA B 48 -8.35 0.89 -1.08
CA ALA B 48 -9.09 -0.21 -0.46
C ALA B 48 -8.38 -0.71 0.80
N ASN B 49 -9.15 -0.95 1.85
CA ASN B 49 -8.65 -1.50 3.11
C ASN B 49 -9.52 -2.71 3.49
N VAL B 50 -8.89 -3.85 3.76
CA VAL B 50 -9.63 -5.10 3.99
C VAL B 50 -9.05 -5.93 5.15
N SER B 51 -9.93 -6.59 5.89
CA SER B 51 -9.55 -7.65 6.84
C SER B 51 -10.71 -8.63 6.92
N LEU B 52 -10.47 -9.79 7.51
CA LEU B 52 -11.48 -10.82 7.67
C LEU B 52 -11.44 -11.47 9.05
N ILE B 53 -12.62 -11.62 9.64
CA ILE B 53 -12.78 -12.42 10.86
C ILE B 53 -13.75 -13.56 10.54
N VAL B 54 -13.32 -14.81 10.70
CA VAL B 54 -14.24 -15.95 10.60
C VAL B 54 -14.67 -16.32 12.03
N VAL B 55 -15.98 -16.50 12.23
CA VAL B 55 -16.53 -16.73 13.57
C VAL B 55 -17.05 -18.16 13.78
N ALA B 56 -17.34 -18.87 12.68
CA ALA B 56 -17.97 -20.18 12.74
C ALA B 56 -17.76 -21.00 11.47
N GLY B 57 -18.11 -22.28 11.56
CA GLY B 57 -18.05 -23.17 10.43
C GLY B 57 -16.66 -23.65 10.04
N LYS B 58 -16.60 -24.20 8.83
CA LYS B 58 -15.43 -24.90 8.29
C LYS B 58 -14.12 -24.11 8.37
N TYR B 59 -14.18 -22.81 8.19
CA TYR B 59 -12.98 -21.97 8.09
C TYR B 59 -12.68 -21.19 9.37
N HIS B 60 -13.43 -21.46 10.44
CA HIS B 60 -13.21 -20.81 11.72
C HIS B 60 -11.88 -21.20 12.36
N ILE B 61 -11.71 -22.49 12.64
CA ILE B 61 -10.49 -23.02 13.28
C ILE B 61 -9.83 -23.93 12.27
N ILE B 62 -8.64 -23.53 11.80
CA ILE B 62 -7.91 -24.32 10.82
C ILE B 62 -7.08 -25.39 11.53
N ASN B 63 -7.32 -26.64 11.16
CA ASN B 63 -6.44 -27.75 11.56
C ASN B 63 -6.13 -28.66 10.37
N ASN B 64 -4.91 -28.52 9.85
CA ASN B 64 -4.45 -29.26 8.68
C ASN B 64 -3.80 -30.59 9.01
N LYS B 65 -3.60 -30.91 10.29
CA LYS B 65 -3.34 -32.30 10.68
C LYS B 65 -4.63 -33.09 10.49
N THR B 66 -5.71 -32.59 11.05
CA THR B 66 -7.02 -33.23 10.97
C THR B 66 -7.62 -33.12 9.57
N ASN B 67 -7.45 -31.97 8.93
CA ASN B 67 -8.08 -31.67 7.65
C ASN B 67 -7.08 -31.11 6.64
N PRO B 68 -6.17 -31.97 6.15
CA PRO B 68 -5.09 -31.56 5.25
C PRO B 68 -5.54 -30.80 3.99
N LYS B 69 -6.76 -31.06 3.51
CA LYS B 69 -7.25 -30.47 2.26
C LYS B 69 -7.78 -29.05 2.39
N ILE B 70 -8.10 -28.62 3.61
CA ILE B 70 -8.61 -27.26 3.83
C ILE B 70 -7.44 -26.28 3.76
N LYS B 71 -7.26 -25.65 2.61
CA LYS B 71 -6.08 -24.80 2.38
C LYS B 71 -6.35 -23.44 1.73
N SER B 72 -7.61 -23.18 1.38
CA SER B 72 -8.00 -21.96 0.69
C SER B 72 -9.52 -21.80 0.63
N PHE B 73 -9.96 -20.56 0.39
CA PHE B 73 -11.38 -20.24 0.16
C PHE B 73 -11.51 -18.89 -0.56
N THR B 74 -12.69 -18.61 -1.12
CA THR B 74 -12.89 -17.39 -1.90
C THR B 74 -14.13 -16.63 -1.47
N ILE B 75 -14.02 -15.30 -1.46
CA ILE B 75 -15.13 -14.39 -1.17
C ILE B 75 -15.33 -13.48 -2.39
N LYS B 76 -16.52 -13.56 -2.98
CA LYS B 76 -16.83 -12.86 -4.22
C LYS B 76 -17.81 -11.70 -4.02
N LEU B 77 -17.48 -10.55 -4.59
CA LEU B 77 -18.37 -9.41 -4.66
C LEU B 77 -18.69 -9.17 -6.15
N LEU B 78 -19.96 -9.35 -6.50
CA LEU B 78 -20.42 -9.24 -7.88
C LEU B 78 -21.33 -8.00 -8.00
N PHE B 79 -21.14 -7.22 -9.06
CA PHE B 79 -21.84 -5.94 -9.23
C PHE B 79 -22.50 -5.84 -10.61
N ASN B 80 -23.61 -5.11 -10.68
CA ASN B 80 -24.29 -4.87 -11.95
C ASN B 80 -23.81 -3.58 -12.62
N LYS B 81 -24.51 -3.15 -13.68
CA LYS B 81 -24.15 -1.96 -14.46
C LYS B 81 -24.00 -0.72 -13.60
N ASN B 82 -24.84 -0.61 -12.58
CA ASN B 82 -24.90 0.58 -11.74
C ASN B 82 -24.01 0.49 -10.49
N GLY B 83 -23.20 -0.57 -10.41
CA GLY B 83 -22.32 -0.76 -9.26
C GLY B 83 -23.02 -1.30 -8.03
N VAL B 84 -24.19 -1.91 -8.23
CA VAL B 84 -25.00 -2.46 -7.13
C VAL B 84 -24.64 -3.93 -6.88
N LEU B 85 -24.46 -4.28 -5.60
CA LEU B 85 -24.02 -5.63 -5.23
C LEU B 85 -25.12 -6.63 -5.53
N LEU B 86 -24.78 -7.69 -6.28
CA LEU B 86 -25.75 -8.74 -6.58
C LEU B 86 -25.88 -9.69 -5.40
N ASP B 87 -27.06 -10.27 -5.22
CA ASP B 87 -27.34 -11.11 -4.07
C ASP B 87 -26.66 -12.50 -4.09
N ASN B 88 -26.08 -12.88 -5.23
CA ASN B 88 -25.27 -14.11 -5.29
C ASN B 88 -23.83 -13.92 -4.77
N SER B 89 -23.49 -12.70 -4.37
CA SER B 89 -22.22 -12.41 -3.70
C SER B 89 -22.13 -13.08 -2.33
N ASN B 90 -20.91 -13.37 -1.89
CA ASN B 90 -20.68 -13.89 -0.54
C ASN B 90 -21.01 -12.85 0.54
N LEU B 91 -20.77 -11.58 0.22
CA LEU B 91 -21.06 -10.46 1.09
C LEU B 91 -22.54 -10.11 1.01
N GLY B 92 -23.17 -9.91 2.16
CA GLY B 92 -24.57 -9.48 2.23
C GLY B 92 -24.83 -8.06 1.77
N LYS B 93 -25.98 -7.86 1.14
CA LYS B 93 -26.38 -6.53 0.66
C LYS B 93 -26.83 -5.63 1.81
N ALA B 94 -27.28 -6.22 2.91
CA ALA B 94 -27.92 -5.51 4.01
C ALA B 94 -27.13 -4.32 4.55
N TYR B 95 -25.81 -4.48 4.71
CA TYR B 95 -24.98 -3.38 5.26
C TYR B 95 -23.78 -2.96 4.38
N TRP B 96 -23.87 -3.21 3.08
CA TRP B 96 -22.91 -2.69 2.12
C TRP B 96 -23.52 -1.45 1.49
N ASN B 97 -22.96 -0.28 1.81
CA ASN B 97 -23.57 1.00 1.47
C ASN B 97 -22.60 2.14 1.72
N PHE B 98 -22.96 3.34 1.25
CA PHE B 98 -22.21 4.55 1.55
C PHE B 98 -22.22 4.86 3.05
N ARG B 99 -21.16 5.53 3.49
CA ARG B 99 -20.92 5.79 4.90
C ARG B 99 -21.74 6.98 5.46
N SER B 100 -22.22 6.80 6.69
CA SER B 100 -22.72 7.90 7.52
C SER B 100 -22.27 7.63 8.96
N GLY B 101 -21.32 8.41 9.46
CA GLY B 101 -20.72 8.17 10.78
C GLY B 101 -19.99 6.84 10.82
N ASN B 102 -20.26 6.02 11.84
CA ASN B 102 -19.80 4.63 11.89
C ASN B 102 -20.86 3.65 11.38
N SER B 103 -21.83 4.17 10.64
CA SER B 103 -22.93 3.37 10.11
C SER B 103 -23.08 3.66 8.62
N ASN B 104 -24.22 3.28 8.05
CA ASN B 104 -24.52 3.52 6.64
C ASN B 104 -25.59 4.59 6.45
N VAL B 105 -25.70 5.13 5.24
CA VAL B 105 -26.84 5.97 4.87
C VAL B 105 -28.12 5.13 5.01
N SER B 106 -29.24 5.79 5.28
CA SER B 106 -30.46 5.09 5.66
C SER B 106 -31.03 4.21 4.54
N THR B 107 -30.94 4.68 3.30
CA THR B 107 -31.46 3.95 2.15
C THR B 107 -30.33 3.36 1.31
N ALA B 108 -30.63 2.25 0.64
CA ALA B 108 -29.66 1.57 -0.23
C ALA B 108 -29.31 2.42 -1.44
N TYR B 109 -28.04 2.41 -1.85
CA TYR B 109 -27.61 3.20 -3.01
C TYR B 109 -28.08 2.54 -4.31
N GLU B 110 -28.26 3.36 -5.34
CA GLU B 110 -28.63 2.86 -6.67
C GLU B 110 -27.55 3.06 -7.74
N LYS B 111 -26.50 3.82 -7.42
CA LYS B 111 -25.37 4.02 -8.33
C LYS B 111 -24.02 4.17 -7.61
N ALA B 112 -23.06 3.32 -7.98
CA ALA B 112 -21.69 3.42 -7.46
C ALA B 112 -20.68 3.04 -8.55
N ILE B 113 -20.90 3.53 -9.76
CA ILE B 113 -20.08 3.16 -10.92
C ILE B 113 -18.65 3.69 -10.80
N GLY B 114 -18.49 4.81 -10.11
CA GLY B 114 -17.18 5.37 -9.83
C GLY B 114 -16.35 4.60 -8.82
N PHE B 115 -16.93 3.58 -8.18
CA PHE B 115 -16.19 2.67 -7.29
C PHE B 115 -15.88 1.34 -7.96
N MET B 116 -16.24 1.19 -9.23
CA MET B 116 -16.08 -0.10 -9.91
C MET B 116 -14.68 -0.23 -10.51
N PRO B 117 -14.15 -1.47 -10.56
CA PRO B 117 -12.87 -1.67 -11.22
C PRO B 117 -12.98 -1.46 -12.74
N ASN B 118 -12.04 -0.69 -13.28
CA ASN B 118 -12.02 -0.29 -14.69
C ASN B 118 -11.92 -1.46 -15.66
N LEU B 119 -12.89 -1.55 -16.58
CA LEU B 119 -13.00 -2.69 -17.51
C LEU B 119 -11.93 -2.74 -18.60
N VAL B 120 -11.31 -1.61 -18.93
CA VAL B 120 -10.24 -1.57 -19.91
C VAL B 120 -8.95 -2.03 -19.23
N ALA B 121 -8.69 -1.48 -18.04
CA ALA B 121 -7.59 -1.97 -17.17
C ALA B 121 -7.73 -3.46 -16.83
N TYR B 122 -8.94 -3.85 -16.47
CA TYR B 122 -9.25 -5.18 -15.98
C TYR B 122 -10.44 -5.78 -16.77
N PRO B 123 -10.19 -6.31 -17.97
CA PRO B 123 -11.31 -6.83 -18.81
C PRO B 123 -11.88 -8.17 -18.38
N LYS B 124 -13.13 -8.42 -18.75
CA LYS B 124 -13.74 -9.72 -18.56
C LYS B 124 -12.97 -10.76 -19.37
N PRO B 125 -13.10 -12.05 -19.00
CA PRO B 125 -12.47 -13.10 -19.81
C PRO B 125 -12.93 -13.05 -21.27
N SER B 126 -12.01 -13.33 -22.18
CA SER B 126 -12.29 -13.31 -23.62
C SER B 126 -11.27 -14.22 -24.32
N ASN B 127 -11.28 -14.23 -25.65
CA ASN B 127 -10.22 -14.93 -26.37
C ASN B 127 -9.02 -14.00 -26.67
N SER B 128 -9.04 -12.77 -26.16
CA SER B 128 -7.82 -11.95 -26.13
C SER B 128 -6.88 -12.48 -25.03
N LYS B 129 -5.60 -12.16 -25.14
CA LYS B 129 -4.60 -12.62 -24.15
C LYS B 129 -4.94 -12.08 -22.76
N LYS B 130 -4.93 -12.95 -21.74
CA LYS B 130 -5.24 -12.59 -20.36
C LYS B 130 -3.97 -12.08 -19.70
N TYR B 131 -4.01 -10.87 -19.15
CA TYR B 131 -2.84 -10.31 -18.45
C TYR B 131 -3.00 -10.35 -16.93
N ALA B 132 -1.88 -10.40 -16.21
CA ALA B 132 -1.87 -10.50 -14.74
C ALA B 132 -2.19 -9.18 -14.00
N ARG B 133 -2.30 -8.06 -14.70
CA ARG B 133 -2.46 -6.77 -13.98
C ARG B 133 -3.78 -6.62 -13.24
N ASP B 134 -4.75 -7.48 -13.55
CA ASP B 134 -6.02 -7.52 -12.82
C ASP B 134 -5.97 -8.27 -11.48
N ILE B 135 -4.74 -8.58 -11.02
CA ILE B 135 -4.50 -9.23 -9.73
C ILE B 135 -3.63 -8.34 -8.83
N VAL B 136 -3.95 -8.32 -7.52
CA VAL B 136 -3.04 -7.81 -6.48
C VAL B 136 -2.79 -8.89 -5.45
N TYR B 137 -1.52 -9.15 -5.15
CA TYR B 137 -1.15 -10.07 -4.08
C TYR B 137 -0.78 -9.31 -2.80
N GLY B 138 -1.23 -9.84 -1.66
CA GLY B 138 -0.77 -9.36 -0.36
C GLY B 138 -0.65 -10.52 0.60
N THR B 139 0.00 -10.28 1.74
CA THR B 139 0.07 -11.25 2.83
C THR B 139 -0.50 -10.60 4.10
N ILE B 140 -1.38 -11.30 4.79
CA ILE B 140 -1.87 -10.92 6.12
C ILE B 140 -1.49 -11.98 7.14
N TYR B 141 -1.73 -11.71 8.43
CA TYR B 141 -1.23 -12.57 9.49
C TYR B 141 -2.37 -12.97 10.42
N LEU B 142 -2.54 -14.27 10.55
CA LEU B 142 -3.57 -14.82 11.40
C LEU B 142 -3.28 -14.57 12.88
N GLY B 143 -4.26 -14.02 13.59
CA GLY B 143 -4.15 -13.70 15.00
C GLY B 143 -3.12 -12.63 15.30
N GLY B 144 -2.73 -11.86 14.29
CA GLY B 144 -1.66 -10.88 14.42
C GLY B 144 -0.26 -11.43 14.70
N LYS B 145 -0.05 -12.73 14.46
CA LYS B 145 1.25 -13.38 14.73
C LYS B 145 2.11 -13.40 13.47
N PRO B 146 3.37 -12.92 13.56
CA PRO B 146 4.22 -12.76 12.38
C PRO B 146 4.67 -14.06 11.73
N ASP B 147 4.53 -15.19 12.45
CA ASP B 147 4.81 -16.51 11.89
C ASP B 147 3.53 -17.25 11.42
N GLN B 148 2.44 -16.52 11.20
CA GLN B 148 1.22 -17.13 10.73
C GLN B 148 0.67 -16.44 9.46
N PRO B 149 1.48 -16.39 8.39
CA PRO B 149 1.06 -15.74 7.16
C PRO B 149 -0.05 -16.49 6.43
N ALA B 150 -0.88 -15.73 5.74
CA ALA B 150 -1.78 -16.26 4.73
C ALA B 150 -1.82 -15.26 3.58
N VAL B 151 -1.95 -15.76 2.36
CA VAL B 151 -1.92 -14.92 1.16
C VAL B 151 -3.34 -14.47 0.81
N ILE B 152 -3.51 -13.18 0.56
CA ILE B 152 -4.75 -12.62 0.06
C ILE B 152 -4.50 -12.19 -1.39
N LYS B 153 -5.21 -12.84 -2.31
CA LYS B 153 -5.11 -12.59 -3.75
C LYS B 153 -6.43 -11.94 -4.18
N THR B 154 -6.35 -10.72 -4.68
CA THR B 154 -7.51 -9.95 -5.11
C THR B 154 -7.49 -9.85 -6.63
N THR B 155 -8.63 -10.16 -7.26
CA THR B 155 -8.78 -10.21 -8.71
C THR B 155 -10.00 -9.39 -9.14
N PHE B 156 -9.83 -8.59 -10.18
CA PHE B 156 -10.85 -7.68 -10.71
C PHE B 156 -11.45 -8.19 -12.03
N ASN B 157 -12.78 -8.24 -12.04
CA ASN B 157 -13.61 -8.41 -13.25
C ASN B 157 -13.46 -9.77 -13.97
N GLN B 158 -13.13 -10.82 -13.24
CA GLN B 158 -12.92 -12.14 -13.86
C GLN B 158 -14.06 -13.14 -13.60
N GLU B 159 -15.05 -12.75 -12.82
CA GLU B 159 -16.24 -13.58 -12.64
C GLU B 159 -17.18 -13.32 -13.81
N THR B 160 -18.08 -14.26 -14.07
CA THR B 160 -19.13 -14.06 -15.08
C THR B 160 -20.47 -13.85 -14.40
N GLY B 161 -21.47 -13.43 -15.16
CA GLY B 161 -22.79 -13.12 -14.60
C GLY B 161 -22.80 -11.80 -13.85
N CYS B 162 -22.02 -10.84 -14.35
CA CYS B 162 -21.89 -9.53 -13.71
C CYS B 162 -21.23 -8.55 -14.67
N GLU B 163 -21.43 -7.26 -14.44
CA GLU B 163 -20.70 -6.23 -15.17
C GLU B 163 -19.29 -6.05 -14.56
N TYR B 164 -19.22 -6.15 -13.22
CA TYR B 164 -17.94 -6.01 -12.49
C TYR B 164 -17.86 -7.05 -11.36
N SER B 165 -16.64 -7.35 -10.91
CA SER B 165 -16.45 -8.20 -9.75
C SER B 165 -15.16 -7.83 -9.02
N ILE B 166 -15.17 -8.04 -7.71
CA ILE B 166 -13.95 -8.02 -6.88
C ILE B 166 -13.95 -9.32 -6.11
N THR B 167 -12.91 -10.14 -6.27
CA THR B 167 -12.85 -11.41 -5.55
C THR B 167 -11.59 -11.50 -4.68
N PHE B 168 -11.76 -12.03 -3.49
CA PHE B 168 -10.69 -12.22 -2.51
C PHE B 168 -10.48 -13.70 -2.30
N ASN B 169 -9.31 -14.21 -2.69
CA ASN B 169 -8.94 -15.59 -2.39
C ASN B 169 -7.93 -15.64 -1.27
N PHE B 170 -8.26 -16.38 -0.22
CA PHE B 170 -7.36 -16.58 0.92
C PHE B 170 -6.79 -17.98 0.87
N SER B 171 -5.48 -18.11 1.02
CA SER B 171 -4.83 -19.42 1.02
C SER B 171 -3.58 -19.43 1.89
N TRP B 172 -3.14 -20.62 2.26
CA TRP B 172 -1.96 -20.77 3.09
C TRP B 172 -1.24 -22.07 2.77
N SER B 173 0.06 -22.06 2.98
CA SER B 173 0.93 -23.19 2.62
C SER B 173 1.40 -23.92 3.87
N LYS B 174 1.28 -23.29 5.03
CA LYS B 174 1.72 -23.91 6.29
C LYS B 174 0.69 -24.90 6.81
N THR B 175 1.15 -25.84 7.63
CA THR B 175 0.25 -26.82 8.26
C THR B 175 -0.13 -26.29 9.63
N TYR B 176 -1.19 -25.49 9.69
CA TYR B 176 -1.59 -24.88 10.95
C TYR B 176 -2.37 -25.88 11.78
N GLU B 177 -2.14 -25.87 13.09
CA GLU B 177 -2.90 -26.73 14.01
C GLU B 177 -3.68 -25.88 15.02
N ASN B 178 -4.99 -25.80 14.81
CA ASN B 178 -5.92 -25.02 15.67
C ASN B 178 -5.63 -23.51 15.67
N VAL B 179 -5.55 -22.96 14.45
CA VAL B 179 -5.30 -21.53 14.28
C VAL B 179 -6.58 -20.88 13.79
N GLU B 180 -7.07 -19.89 14.55
CA GLU B 180 -8.31 -19.21 14.22
C GLU B 180 -8.07 -18.30 13.02
N PHE B 181 -8.95 -18.35 12.02
CA PHE B 181 -8.83 -17.49 10.86
C PHE B 181 -9.45 -16.11 11.09
N GLU B 182 -8.63 -15.22 11.64
CA GLU B 182 -8.96 -13.81 11.76
C GLU B 182 -7.67 -13.02 11.53
N THR B 183 -7.75 -11.98 10.72
CA THR B 183 -6.56 -11.40 10.07
C THR B 183 -6.20 -9.99 10.47
N THR B 184 -4.93 -9.66 10.26
CA THR B 184 -4.49 -8.27 10.21
C THR B 184 -5.08 -7.58 8.96
N SER B 185 -4.84 -6.27 8.81
CA SER B 185 -5.43 -5.49 7.71
C SER B 185 -4.42 -5.27 6.57
N PHE B 186 -4.95 -5.16 5.36
CA PHE B 186 -4.17 -4.93 4.15
C PHE B 186 -4.80 -3.81 3.34
N THR B 187 -3.94 -2.94 2.80
CA THR B 187 -4.33 -1.82 1.95
C THR B 187 -3.81 -2.04 0.52
N PHE B 188 -4.66 -1.77 -0.46
CA PHE B 188 -4.28 -1.78 -1.86
C PHE B 188 -5.03 -0.68 -2.60
N SER B 189 -4.80 -0.56 -3.89
CA SER B 189 -5.65 0.33 -4.74
C SER B 189 -5.95 -0.30 -6.08
N TYR B 190 -6.90 0.31 -6.79
CA TYR B 190 -7.21 -0.11 -8.15
C TYR B 190 -7.78 1.06 -8.95
N ILE B 191 -7.71 0.92 -10.27
CA ILE B 191 -8.16 1.97 -11.22
C ILE B 191 -9.68 1.91 -11.34
N ALA B 192 -10.32 3.07 -11.19
CA ALA B 192 -11.77 3.16 -11.20
C ALA B 192 -12.29 3.28 -12.63
N GLN B 193 -13.47 2.76 -12.83
CA GLN B 193 -14.16 2.75 -14.13
C GLN B 193 -14.44 4.17 -14.65
N GLU B 194 -14.87 5.05 -13.75
CA GLU B 194 -15.05 6.46 -14.09
C GLU B 194 -14.69 7.37 -12.92
N THR C 12 -7.01 21.82 6.06
CA THR C 12 -5.85 21.19 6.77
C THR C 12 -5.88 19.66 6.58
N ARG C 13 -5.25 19.18 5.51
CA ARG C 13 -5.41 17.79 5.08
C ARG C 13 -4.20 16.86 5.32
N THR C 14 -3.06 17.39 5.78
CA THR C 14 -1.90 16.55 6.09
C THR C 14 -1.24 16.93 7.40
N LEU C 15 -1.11 15.96 8.31
CA LEU C 15 -0.32 16.07 9.53
C LEU C 15 1.02 15.41 9.23
N TRP C 16 2.12 16.08 9.59
CA TRP C 16 3.43 15.50 9.31
C TRP C 16 4.56 15.98 10.24
N THR C 17 5.73 15.35 10.08
CA THR C 17 6.97 15.69 10.79
C THR C 17 7.97 16.68 10.13
N THR C 18 7.64 17.23 8.96
CA THR C 18 8.63 17.92 8.08
C THR C 18 9.67 16.89 7.60
N PRO C 19 9.84 16.77 6.28
CA PRO C 19 10.69 15.71 5.73
C PRO C 19 12.20 15.99 5.68
N ASP C 20 12.72 16.78 6.64
CA ASP C 20 14.16 17.06 6.74
C ASP C 20 14.86 15.92 7.50
N THR C 21 16.10 16.12 7.93
CA THR C 21 16.85 15.07 8.62
C THR C 21 17.15 15.39 10.09
N SER C 22 16.53 16.44 10.63
CA SER C 22 16.81 16.87 12.01
C SER C 22 16.15 15.95 13.04
N PRO C 23 16.94 15.39 13.98
CA PRO C 23 16.32 14.49 14.96
C PRO C 23 15.08 15.08 15.65
N ASN C 24 14.07 14.22 15.83
CA ASN C 24 12.77 14.62 16.39
C ASN C 24 12.16 13.57 17.34
N CYS C 25 12.90 12.51 17.61
CA CYS C 25 12.34 11.33 18.25
C CYS C 25 13.36 10.75 19.23
N THR C 26 12.86 10.14 20.29
CA THR C 26 13.67 9.59 21.39
C THR C 26 13.28 8.14 21.60
N ILE C 27 14.16 7.22 21.20
CA ILE C 27 13.93 5.78 21.38
C ILE C 27 14.61 5.31 22.67
N ALA C 28 15.95 5.38 22.69
CA ALA C 28 16.77 4.95 23.83
C ALA C 28 17.42 6.13 24.57
N GLN C 29 17.73 7.19 23.82
CA GLN C 29 18.23 8.44 24.40
C GLN C 29 17.69 9.65 23.64
N ASP C 30 17.74 10.83 24.27
CA ASP C 30 17.14 12.04 23.72
C ASP C 30 17.57 12.33 22.28
N LYS C 31 16.58 12.55 21.41
CA LYS C 31 16.80 12.92 20.01
C LYS C 31 17.73 11.97 19.29
N ASP C 32 17.56 10.68 19.51
CA ASP C 32 18.43 9.70 18.86
C ASP C 32 17.94 9.29 17.47
N SER C 33 16.82 9.87 17.02
CA SER C 33 16.21 9.47 15.76
C SER C 33 15.41 10.56 15.04
N LYS C 34 15.21 10.35 13.75
CA LYS C 34 14.29 11.14 12.94
C LYS C 34 13.23 10.20 12.39
N LEU C 35 12.02 10.29 12.95
CA LEU C 35 10.86 9.63 12.35
C LEU C 35 10.26 10.54 11.28
N THR C 36 10.13 10.04 10.05
CA THR C 36 9.39 10.77 9.02
C THR C 36 8.03 10.12 8.82
N LEU C 37 6.97 10.82 9.23
CA LEU C 37 5.60 10.31 9.14
C LEU C 37 4.73 11.35 8.48
N VAL C 38 3.98 10.95 7.46
CA VAL C 38 3.04 11.80 6.76
C VAL C 38 1.67 11.12 6.76
N LEU C 39 0.69 11.81 7.34
CA LEU C 39 -0.69 11.34 7.41
C LEU C 39 -1.55 12.27 6.57
N THR C 40 -2.17 11.72 5.53
CA THR C 40 -2.96 12.50 4.59
C THR C 40 -4.42 12.00 4.63
N LYS C 41 -5.34 12.90 4.91
CA LYS C 41 -6.75 12.52 5.02
C LYS C 41 -7.39 12.41 3.64
N CYS C 42 -7.86 11.19 3.34
CA CYS C 42 -8.65 10.94 2.16
C CYS C 42 -10.03 10.49 2.63
N GLY C 43 -10.75 11.43 3.25
CA GLY C 43 -12.06 11.16 3.79
C GLY C 43 -12.02 10.10 4.87
N SER C 44 -12.71 8.99 4.65
CA SER C 44 -12.82 7.91 5.65
C SER C 44 -11.52 7.13 5.91
N GLN C 45 -10.50 7.33 5.09
CA GLN C 45 -9.21 6.65 5.28
C GLN C 45 -8.08 7.66 5.39
N ILE C 46 -7.12 7.37 6.27
CA ILE C 46 -5.87 8.10 6.36
C ILE C 46 -4.82 7.31 5.57
N LEU C 47 -4.18 7.99 4.62
CA LEU C 47 -3.07 7.41 3.87
C LEU C 47 -1.78 7.77 4.58
N ALA C 48 -1.04 6.75 5.02
CA ALA C 48 0.15 6.93 5.84
C ALA C 48 1.42 6.51 5.11
N ASN C 49 2.47 7.30 5.30
CA ASN C 49 3.78 7.04 4.70
C ASN C 49 4.84 7.24 5.81
N VAL C 50 5.70 6.24 6.02
CA VAL C 50 6.65 6.25 7.13
C VAL C 50 8.04 5.73 6.78
N SER C 51 9.06 6.33 7.41
CA SER C 51 10.45 5.84 7.39
C SER C 51 11.15 6.32 8.67
N LEU C 52 12.29 5.73 8.96
CA LEU C 52 13.05 6.03 10.18
C LEU C 52 14.54 6.12 9.92
N ILE C 53 15.16 7.16 10.50
CA ILE C 53 16.63 7.28 10.59
C ILE C 53 17.06 7.31 12.06
N VAL C 54 17.86 6.35 12.49
CA VAL C 54 18.43 6.41 13.84
C VAL C 54 19.83 7.02 13.71
N VAL C 55 20.07 8.13 14.43
CA VAL C 55 21.30 8.95 14.27
C VAL C 55 22.37 8.74 15.33
N ALA C 56 22.01 8.15 16.47
CA ALA C 56 22.92 7.99 17.59
C ALA C 56 22.34 6.97 18.57
N GLY C 57 23.13 6.60 19.57
CA GLY C 57 22.71 5.68 20.62
C GLY C 57 22.66 4.20 20.27
N LYS C 58 22.02 3.46 21.18
CA LYS C 58 21.88 2.00 21.15
C LYS C 58 21.45 1.38 19.81
N TYR C 59 20.56 2.06 19.09
CA TYR C 59 19.97 1.51 17.87
C TYR C 59 20.53 2.11 16.58
N HIS C 60 21.58 2.92 16.70
CA HIS C 60 22.17 3.56 15.54
C HIS C 60 22.91 2.55 14.65
N ILE C 61 23.83 1.78 15.24
CA ILE C 61 24.53 0.71 14.51
C ILE C 61 24.21 -0.62 15.19
N ILE C 62 23.53 -1.51 14.47
CA ILE C 62 23.19 -2.83 14.98
C ILE C 62 24.37 -3.78 14.83
N ASN C 63 24.79 -4.39 15.93
CA ASN C 63 25.70 -5.54 15.89
C ASN C 63 25.25 -6.64 16.83
N ASN C 64 24.71 -7.71 16.24
CA ASN C 64 24.09 -8.83 16.97
C ASN C 64 25.09 -9.95 17.29
N LYS C 65 26.34 -9.78 16.86
CA LYS C 65 27.43 -10.58 17.42
C LYS C 65 27.74 -10.02 18.81
N THR C 66 27.94 -8.71 18.87
CA THR C 66 28.25 -8.02 20.12
C THR C 66 27.06 -8.08 21.08
N ASN C 67 25.86 -7.79 20.55
CA ASN C 67 24.62 -7.68 21.32
C ASN C 67 23.54 -8.61 20.74
N PRO C 68 23.61 -9.91 21.06
CA PRO C 68 22.69 -10.90 20.45
C PRO C 68 21.17 -10.68 20.64
N LYS C 69 20.78 -10.01 21.73
CA LYS C 69 19.37 -9.82 22.08
C LYS C 69 18.80 -8.45 21.67
N ILE C 70 19.60 -7.59 21.05
CA ILE C 70 19.08 -6.30 20.57
C ILE C 70 18.41 -6.55 19.22
N LYS C 71 17.11 -6.84 19.25
CA LYS C 71 16.42 -7.29 18.04
C LYS C 71 15.13 -6.55 17.74
N SER C 72 14.78 -5.55 18.56
CA SER C 72 13.52 -4.81 18.36
C SER C 72 13.45 -3.55 19.23
N PHE C 73 12.62 -2.62 18.80
CA PHE C 73 12.30 -1.44 19.59
C PHE C 73 10.96 -0.86 19.15
N THR C 74 10.41 0.05 19.96
CA THR C 74 9.10 0.63 19.67
C THR C 74 9.07 2.15 19.77
N ILE C 75 8.35 2.76 18.82
CA ILE C 75 8.08 4.19 18.81
C ILE C 75 6.56 4.34 18.95
N LYS C 76 6.13 5.09 19.96
CA LYS C 76 4.72 5.25 20.28
C LYS C 76 4.30 6.72 20.08
N LEU C 77 3.18 6.90 19.38
CA LEU C 77 2.47 8.19 19.30
C LEU C 77 1.16 8.03 20.07
N LEU C 78 1.00 8.83 21.12
CA LEU C 78 -0.16 8.81 22.01
C LEU C 78 -0.91 10.12 21.81
N PHE C 79 -2.25 10.04 21.71
CA PHE C 79 -3.08 11.21 21.45
C PHE C 79 -4.24 11.31 22.44
N ASN C 80 -4.64 12.55 22.74
CA ASN C 80 -5.77 12.79 23.61
C ASN C 80 -7.09 12.83 22.81
N LYS C 81 -8.20 13.18 23.47
CA LYS C 81 -9.51 13.23 22.82
C LYS C 81 -9.61 14.21 21.65
N ASN C 82 -8.73 15.19 21.58
CA ASN C 82 -8.74 16.13 20.46
C ASN C 82 -7.73 15.80 19.37
N GLY C 83 -7.10 14.62 19.48
CA GLY C 83 -6.08 14.19 18.51
C GLY C 83 -4.75 14.90 18.66
N VAL C 84 -4.52 15.51 19.83
CA VAL C 84 -3.28 16.21 20.14
C VAL C 84 -2.25 15.23 20.73
N LEU C 85 -1.00 15.36 20.27
CA LEU C 85 0.07 14.44 20.65
C LEU C 85 0.45 14.64 22.12
N LEU C 86 0.51 13.56 22.88
CA LEU C 86 0.85 13.60 24.28
C LEU C 86 2.35 13.46 24.52
N ASP C 87 2.87 14.08 25.58
CA ASP C 87 4.33 14.20 25.78
C ASP C 87 5.09 12.91 26.12
N ASN C 88 4.37 11.88 26.58
CA ASN C 88 4.97 10.56 26.76
C ASN C 88 5.24 9.83 25.44
N SER C 89 4.74 10.36 24.32
CA SER C 89 5.12 9.87 22.98
C SER C 89 6.64 9.95 22.72
N ASN C 90 7.17 9.02 21.95
CA ASN C 90 8.59 9.05 21.58
C ASN C 90 8.92 10.22 20.64
N LEU C 91 7.95 10.56 19.78
CA LEU C 91 8.06 11.69 18.85
C LEU C 91 7.86 12.99 19.63
N GLY C 92 8.74 13.97 19.42
CA GLY C 92 8.58 15.28 20.07
C GLY C 92 7.40 16.15 19.60
N LYS C 93 6.76 16.84 20.53
CA LYS C 93 5.57 17.63 20.22
C LYS C 93 5.84 18.81 19.27
N ALA C 94 7.01 19.43 19.42
CA ALA C 94 7.40 20.57 18.59
C ALA C 94 7.50 20.23 17.10
N TYR C 95 7.56 18.94 16.78
CA TYR C 95 7.84 18.47 15.42
C TYR C 95 6.65 17.92 14.66
N TRP C 96 5.46 17.97 15.28
CA TRP C 96 4.27 17.34 14.73
C TRP C 96 3.18 18.40 14.56
N ASN C 97 2.76 18.64 13.31
CA ASN C 97 1.77 19.67 13.00
C ASN C 97 1.24 19.49 11.58
N PHE C 98 0.18 20.24 11.22
CA PHE C 98 -0.27 20.31 9.84
C PHE C 98 0.78 20.95 8.93
N ARG C 99 0.79 20.52 7.67
CA ARG C 99 1.79 20.97 6.70
C ARG C 99 1.52 22.42 6.27
N SER C 100 2.60 23.19 6.13
CA SER C 100 2.57 24.52 5.54
C SER C 100 3.83 24.69 4.70
N GLY C 101 3.71 24.44 3.39
CA GLY C 101 4.87 24.45 2.48
C GLY C 101 5.70 23.21 2.74
N ASN C 102 7.02 23.37 2.85
CA ASN C 102 7.88 22.28 3.32
C ASN C 102 8.13 22.34 4.83
N SER C 103 7.30 23.10 5.54
CA SER C 103 7.41 23.21 6.98
C SER C 103 6.06 22.95 7.68
N ASN C 104 6.01 23.32 8.96
CA ASN C 104 4.82 23.23 9.78
C ASN C 104 4.35 24.64 10.09
N VAL C 105 3.08 24.76 10.48
CA VAL C 105 2.54 26.05 10.93
C VAL C 105 3.26 26.46 12.22
N SER C 106 3.27 27.75 12.53
CA SER C 106 4.02 28.24 13.68
C SER C 106 3.30 27.97 15.00
N THR C 107 1.99 27.71 14.92
CA THR C 107 1.15 27.50 16.09
C THR C 107 0.67 26.04 16.16
N ALA C 108 0.81 25.44 17.34
CA ALA C 108 0.38 24.06 17.59
C ALA C 108 -1.11 23.92 17.34
N TYR C 109 -1.51 22.87 16.60
CA TYR C 109 -2.91 22.62 16.29
C TYR C 109 -3.70 22.27 17.56
N GLU C 110 -5.00 22.50 17.52
CA GLU C 110 -5.89 22.20 18.65
C GLU C 110 -6.78 20.97 18.41
N LYS C 111 -7.12 20.71 17.14
CA LYS C 111 -8.00 19.58 16.80
C LYS C 111 -7.51 18.79 15.58
N ALA C 112 -7.42 17.47 15.74
CA ALA C 112 -7.14 16.56 14.62
C ALA C 112 -7.88 15.22 14.77
N ILE C 113 -9.13 15.27 15.18
CA ILE C 113 -9.90 14.03 15.42
C ILE C 113 -10.10 13.24 14.13
N GLY C 114 -10.18 13.95 12.99
CA GLY C 114 -10.36 13.32 11.68
C GLY C 114 -9.18 12.46 11.24
N PHE C 115 -8.04 12.61 11.93
CA PHE C 115 -6.81 11.83 11.62
C PHE C 115 -6.56 10.67 12.59
N MET C 116 -7.44 10.49 13.56
CA MET C 116 -7.27 9.45 14.57
C MET C 116 -7.79 8.09 14.10
N PRO C 117 -7.17 7.00 14.55
CA PRO C 117 -7.66 5.68 14.20
C PRO C 117 -9.03 5.39 14.82
N ASN C 118 -9.96 4.90 14.00
CA ASN C 118 -11.36 4.65 14.38
C ASN C 118 -11.47 3.65 15.55
N LEU C 119 -12.19 4.06 16.60
CA LEU C 119 -12.28 3.26 17.84
C LEU C 119 -13.22 2.06 17.76
N VAL C 120 -14.19 2.10 16.86
CA VAL C 120 -15.01 0.94 16.57
C VAL C 120 -14.22 -0.10 15.77
N ALA C 121 -13.45 0.38 14.80
CA ALA C 121 -12.60 -0.53 14.01
C ALA C 121 -11.49 -1.09 14.89
N TYR C 122 -10.93 -0.22 15.73
CA TYR C 122 -9.74 -0.54 16.52
C TYR C 122 -10.00 -0.13 17.98
N PRO C 123 -10.76 -0.95 18.72
CA PRO C 123 -11.06 -0.61 20.12
C PRO C 123 -9.90 -0.71 21.08
N LYS C 124 -9.99 0.05 22.18
CA LYS C 124 -9.05 -0.08 23.27
C LYS C 124 -9.10 -1.45 23.94
N PRO C 125 -8.01 -1.86 24.61
CA PRO C 125 -8.01 -3.14 25.35
C PRO C 125 -9.13 -3.24 26.37
N SER C 126 -9.68 -4.44 26.52
CA SER C 126 -10.81 -4.69 27.41
C SER C 126 -10.89 -6.18 27.71
N ASN C 127 -12.00 -6.61 28.28
CA ASN C 127 -12.24 -8.04 28.53
C ASN C 127 -12.84 -8.77 27.33
N SER C 128 -13.30 -8.01 26.33
CA SER C 128 -13.82 -8.59 25.10
C SER C 128 -12.71 -9.18 24.23
N LYS C 129 -13.09 -10.06 23.31
CA LYS C 129 -12.12 -10.72 22.43
C LYS C 129 -11.35 -9.68 21.60
N LYS C 130 -10.04 -9.80 21.58
CA LYS C 130 -9.18 -8.89 20.81
C LYS C 130 -8.99 -9.43 19.40
N TYR C 131 -9.27 -8.60 18.39
CA TYR C 131 -9.07 -9.01 17.00
C TYR C 131 -7.81 -8.38 16.39
N ALA C 132 -7.28 -9.03 15.36
CA ALA C 132 -5.99 -8.66 14.76
C ALA C 132 -6.11 -7.54 13.74
N ARG C 133 -7.33 -7.10 13.42
CA ARG C 133 -7.46 -6.13 12.33
C ARG C 133 -6.91 -4.74 12.70
N ASP C 134 -6.62 -4.51 13.99
CA ASP C 134 -5.94 -3.28 14.45
C ASP C 134 -4.43 -3.30 14.23
N ILE C 135 -3.91 -4.31 13.53
CA ILE C 135 -2.49 -4.41 13.13
C ILE C 135 -2.30 -4.35 11.61
N VAL C 136 -1.25 -3.64 11.17
CA VAL C 136 -0.73 -3.73 9.80
C VAL C 136 0.73 -4.15 9.83
N TYR C 137 1.07 -5.22 9.11
CA TYR C 137 2.46 -5.65 8.94
C TYR C 137 3.04 -5.15 7.61
N GLY C 138 4.28 -4.65 7.68
CA GLY C 138 5.08 -4.38 6.51
C GLY C 138 6.54 -4.74 6.74
N THR C 139 7.33 -4.71 5.66
CA THR C 139 8.77 -4.87 5.76
C THR C 139 9.46 -3.68 5.09
N ILE C 140 10.48 -3.13 5.75
CA ILE C 140 11.37 -2.11 5.17
C ILE C 140 12.81 -2.65 5.16
N TYR C 141 13.71 -1.92 4.51
CA TYR C 141 15.05 -2.42 4.21
C TYR C 141 16.11 -1.45 4.70
N LEU C 142 17.00 -1.94 5.54
CA LEU C 142 18.00 -1.08 6.14
C LEU C 142 19.03 -0.69 5.09
N GLY C 143 19.29 0.60 4.98
CA GLY C 143 20.27 1.11 4.01
C GLY C 143 19.88 0.89 2.56
N GLY C 144 18.59 0.64 2.32
CA GLY C 144 18.10 0.36 0.99
C GLY C 144 18.59 -0.94 0.38
N LYS C 145 19.19 -1.83 1.18
CA LYS C 145 19.73 -3.09 0.65
C LYS C 145 18.68 -4.20 0.74
N PRO C 146 18.44 -4.93 -0.38
CA PRO C 146 17.36 -5.91 -0.43
C PRO C 146 17.55 -7.13 0.47
N ASP C 147 18.78 -7.36 0.95
CA ASP C 147 19.05 -8.44 1.89
C ASP C 147 19.10 -8.02 3.37
N GLN C 148 18.63 -6.80 3.68
CA GLN C 148 18.55 -6.31 5.05
C GLN C 148 17.12 -5.90 5.47
N PRO C 149 16.18 -6.86 5.47
CA PRO C 149 14.81 -6.59 5.89
C PRO C 149 14.65 -6.37 7.40
N ALA C 150 13.71 -5.50 7.76
CA ALA C 150 13.24 -5.40 9.13
C ALA C 150 11.73 -5.21 9.08
N VAL C 151 11.04 -5.85 10.03
CA VAL C 151 9.60 -5.84 10.05
C VAL C 151 9.13 -4.58 10.79
N ILE C 152 8.23 -3.85 10.16
CA ILE C 152 7.54 -2.74 10.81
C ILE C 152 6.10 -3.19 11.08
N LYS C 153 5.78 -3.41 12.36
CA LYS C 153 4.42 -3.74 12.81
C LYS C 153 3.76 -2.48 13.39
N THR C 154 2.63 -2.07 12.79
CA THR C 154 1.90 -0.89 13.22
C THR C 154 0.61 -1.32 13.90
N THR C 155 0.36 -0.80 15.11
CA THR C 155 -0.82 -1.16 15.90
C THR C 155 -1.62 0.09 16.32
N PHE C 156 -2.94 0.00 16.17
CA PHE C 156 -3.84 1.11 16.48
C PHE C 156 -4.58 0.96 17.82
N ASN C 157 -4.55 2.04 18.61
CA ASN C 157 -5.35 2.20 19.85
C ASN C 157 -5.14 1.12 20.92
N GLN C 158 -3.93 0.56 21.02
CA GLN C 158 -3.66 -0.46 22.03
C GLN C 158 -2.87 0.01 23.25
N GLU C 159 -2.43 1.26 23.26
CA GLU C 159 -1.70 1.81 24.40
C GLU C 159 -2.65 2.34 25.47
N THR C 160 -2.19 2.35 26.72
CA THR C 160 -2.91 3.04 27.82
C THR C 160 -2.44 4.49 27.95
N GLY C 161 -3.14 5.27 28.78
CA GLY C 161 -2.78 6.68 29.01
C GLY C 161 -3.08 7.61 27.86
N CYS C 162 -4.13 7.29 27.10
CA CYS C 162 -4.48 8.02 25.88
C CYS C 162 -5.86 7.66 25.37
N GLU C 163 -6.42 8.52 24.52
CA GLU C 163 -7.68 8.18 23.84
C GLU C 163 -7.42 7.40 22.55
N TYR C 164 -6.34 7.77 21.84
CA TYR C 164 -5.91 7.08 20.61
C TYR C 164 -4.39 6.87 20.61
N SER C 165 -3.93 5.90 19.81
CA SER C 165 -2.50 5.65 19.69
C SER C 165 -2.15 5.01 18.34
N ILE C 166 -0.95 5.31 17.86
CA ILE C 166 -0.33 4.63 16.73
C ILE C 166 1.05 4.23 17.22
N THR C 167 1.35 2.94 17.19
CA THR C 167 2.67 2.45 17.61
C THR C 167 3.35 1.68 16.47
N PHE C 168 4.63 1.96 16.30
CA PHE C 168 5.48 1.29 15.31
C PHE C 168 6.49 0.43 16.05
N ASN C 169 6.39 -0.89 15.86
CA ASN C 169 7.37 -1.81 16.39
C ASN C 169 8.27 -2.30 15.27
N PHE C 170 9.55 -2.03 15.41
CA PHE C 170 10.57 -2.46 14.48
C PHE C 170 11.29 -3.70 15.03
N SER C 171 11.43 -4.74 14.21
CA SER C 171 12.10 -5.96 14.63
C SER C 171 12.80 -6.65 13.45
N TRP C 172 13.77 -7.49 13.78
CA TRP C 172 14.50 -8.23 12.75
C TRP C 172 14.93 -9.58 13.29
N SER C 173 15.04 -10.54 12.37
CA SER C 173 15.37 -11.93 12.70
C SER C 173 16.80 -12.29 12.26
N LYS C 174 17.37 -11.51 11.35
CA LYS C 174 18.75 -11.72 10.90
C LYS C 174 19.78 -11.25 11.94
N THR C 175 20.97 -11.86 11.88
CA THR C 175 22.08 -11.46 12.72
C THR C 175 22.88 -10.38 12.00
N TYR C 176 22.48 -9.13 12.20
CA TYR C 176 23.15 -8.03 11.51
C TYR C 176 24.45 -7.65 12.21
N GLU C 177 25.49 -7.39 11.42
CA GLU C 177 26.80 -7.01 11.94
C GLU C 177 27.26 -5.66 11.38
N ASN C 178 27.13 -4.62 12.22
CA ASN C 178 27.50 -3.24 11.90
C ASN C 178 26.65 -2.63 10.77
N VAL C 179 25.34 -2.72 10.97
CA VAL C 179 24.36 -2.19 10.02
C VAL C 179 23.66 -0.99 10.64
N GLU C 180 23.80 0.15 9.98
CA GLU C 180 23.12 1.39 10.38
C GLU C 180 21.60 1.27 10.23
N PHE C 181 20.87 1.68 11.26
CA PHE C 181 19.41 1.61 11.22
C PHE C 181 18.79 2.86 10.63
N GLU C 182 18.71 2.87 9.29
CA GLU C 182 17.98 3.89 8.55
C GLU C 182 17.32 3.18 7.38
N THR C 183 16.04 3.51 7.14
CA THR C 183 15.13 2.64 6.38
C THR C 183 14.60 3.21 5.06
N THR C 184 14.17 2.28 4.21
CA THR C 184 13.27 2.59 3.10
C THR C 184 11.89 3.01 3.64
N SER C 185 11.01 3.43 2.74
CA SER C 185 9.69 3.95 3.10
C SER C 185 8.59 2.89 2.91
N PHE C 186 7.58 2.95 3.78
CA PHE C 186 6.42 2.06 3.73
C PHE C 186 5.13 2.86 3.76
N THR C 187 4.16 2.46 2.93
CA THR C 187 2.81 3.04 2.92
C THR C 187 1.76 2.06 3.41
N PHE C 188 0.80 2.58 4.17
CA PHE C 188 -0.36 1.85 4.64
C PHE C 188 -1.54 2.83 4.76
N SER C 189 -2.71 2.33 5.10
CA SER C 189 -3.85 3.18 5.45
C SER C 189 -4.57 2.63 6.65
N TYR C 190 -5.44 3.47 7.23
CA TYR C 190 -6.29 3.02 8.33
C TYR C 190 -7.60 3.79 8.30
N ILE C 191 -8.61 3.23 8.95
CA ILE C 191 -9.95 3.81 8.96
C ILE C 191 -9.96 4.97 9.97
N ALA C 192 -10.49 6.11 9.55
CA ALA C 192 -10.50 7.33 10.35
C ALA C 192 -11.69 7.36 11.33
N GLN C 193 -11.44 7.97 12.48
CA GLN C 193 -12.46 8.13 13.53
C GLN C 193 -13.65 8.96 13.03
N GLU C 194 -13.35 10.05 12.32
CA GLU C 194 -14.36 10.94 11.74
C GLU C 194 -14.03 11.29 10.31
#